data_6ODL
#
_entry.id   6ODL
#
_cell.length_a   52.094
_cell.length_b   52.094
_cell.length_c   197.804
_cell.angle_alpha   90.00
_cell.angle_beta   90.00
_cell.angle_gamma   90.00
#
_symmetry.space_group_name_H-M   'P 41'
#
loop_
_entity.id
_entity.type
_entity.pdbx_description
1 polymer 'Glutamate receptor ionotropic, NMDA 2A,Glutamate receptor ionotropic, NMDA 2A'
2 non-polymer '(1S,2R)-2-[(S)-amino(carboxy)methyl]-1-butylcyclopropane-1-carboxylic acid'
3 water water
#
_entity_poly.entity_id   1
_entity_poly.type   'polypeptide(L)'
_entity_poly.pdbx_seq_one_letter_code
;NHLSIVTLEEAPFVIVEDIDPLTETCVRNTVPCRKFVKINNSTNEGMNVKKCCKGFCIDILKKLSRTVKFTYDLYLVTNG
KHGKKVNNVWNGMIGEVVYQRAVMAVGSLTINEERSEVVDFSVPFVETGISVMVSRGTQVTGLSDKKFQRPHDYSPPFRF
GTVPNGSTERNIRNNYPYMHQYMTRFNQRGVEDALVSLKTGKLDAFIYDAAVLNYKAGRDEGCKLVTIGSGYIFATTGYG
IALQKGSPWKRQIDLALLQFVGDGEMEELETLWLTGICH
;
_entity_poly.pdbx_strand_id   A,B
#
loop_
_chem_comp.id
_chem_comp.type
_chem_comp.name
_chem_comp.formula
M7V non-polymer '(1S,2R)-2-[(S)-amino(carboxy)methyl]-1-butylcyclopropane-1-carboxylic acid' 'C10 H17 N O4'
#
# COMPACT_ATOMS: atom_id res chain seq x y z
N HIS A 2 -13.59 6.32 29.93
CA HIS A 2 -14.74 5.60 29.39
C HIS A 2 -14.32 4.51 28.42
N LEU A 3 -13.62 4.91 27.36
CA LEU A 3 -13.24 3.98 26.31
C LEU A 3 -12.00 3.21 26.71
N SER A 4 -12.08 1.89 26.64
CA SER A 4 -10.94 1.03 26.92
C SER A 4 -10.16 0.82 25.63
N ILE A 5 -8.90 1.24 25.63
CA ILE A 5 -8.05 1.20 24.45
C ILE A 5 -6.81 0.38 24.77
N VAL A 6 -6.54 -0.63 23.95
CA VAL A 6 -5.39 -1.51 24.14
C VAL A 6 -4.30 -1.11 23.17
N THR A 7 -3.05 -1.17 23.63
CA THR A 7 -1.89 -0.86 22.81
C THR A 7 -0.81 -1.90 23.07
N LEU A 8 0.25 -1.82 22.27
CA LEU A 8 1.39 -2.73 22.39
C LEU A 8 2.66 -1.94 22.17
N GLU A 9 3.68 -2.22 22.99
CA GLU A 9 4.92 -1.47 22.94
C GLU A 9 5.76 -1.92 21.74
N GLU A 10 6.07 -0.97 20.86
CA GLU A 10 7.06 -1.19 19.80
C GLU A 10 7.53 0.19 19.35
N ALA A 11 8.75 0.55 19.75
CA ALA A 11 9.32 1.82 19.33
C ALA A 11 9.43 1.86 17.80
N PRO A 12 9.25 3.04 17.18
CA PRO A 12 9.00 4.33 17.83
C PRO A 12 7.52 4.65 17.97
N PHE A 13 6.67 3.67 17.69
CA PHE A 13 5.23 3.93 17.64
C PHE A 13 4.61 3.93 19.03
N VAL A 14 5.07 3.06 19.92
CA VAL A 14 4.64 3.06 21.32
C VAL A 14 5.85 2.76 22.19
N ILE A 15 6.23 3.70 23.05
CA ILE A 15 7.34 3.54 23.98
C ILE A 15 6.78 3.57 25.41
N VAL A 16 7.16 2.60 26.22
CA VAL A 16 6.65 2.44 27.58
C VAL A 16 7.78 2.73 28.57
N GLU A 17 7.50 3.60 29.53
CA GLU A 17 8.41 3.90 30.63
C GLU A 17 7.64 3.86 31.94
N ASP A 18 8.39 3.87 33.04
CA ASP A 18 7.81 3.80 34.38
C ASP A 18 7.40 5.19 34.87
N ILE A 19 6.48 5.20 35.83
CA ILE A 19 6.05 6.45 36.45
C ILE A 19 7.04 6.81 37.55
N ASP A 20 7.26 8.10 37.75
CA ASP A 20 7.99 8.55 38.93
C ASP A 20 7.14 8.30 40.16
N PRO A 21 7.62 7.54 41.15
CA PRO A 21 6.77 7.25 42.31
C PRO A 21 6.49 8.47 43.17
N LEU A 22 7.40 9.45 43.17
CA LEU A 22 7.18 10.69 43.91
C LEU A 22 6.07 11.56 43.31
N THR A 23 5.63 11.29 42.08
CA THR A 23 4.72 12.20 41.39
C THR A 23 3.28 11.70 41.34
N GLU A 24 3.08 10.40 41.11
CA GLU A 24 1.81 9.81 40.71
C GLU A 24 1.43 10.25 39.31
N THR A 25 2.38 10.81 38.57
CA THR A 25 2.10 11.55 37.35
C THR A 25 2.89 10.99 36.18
N CYS A 26 2.27 10.99 35.02
CA CYS A 26 2.95 10.83 33.75
C CYS A 26 3.11 12.23 33.17
N VAL A 27 4.34 12.65 32.94
CA VAL A 27 4.57 14.03 32.52
C VAL A 27 5.19 14.08 31.15
N ARG A 28 5.42 15.31 30.67
CA ARG A 28 5.91 15.58 29.33
C ARG A 28 4.91 15.10 28.27
N ASN A 29 5.40 14.38 27.26
CA ASN A 29 4.59 13.95 26.13
C ASN A 29 3.98 12.56 26.34
N THR A 30 3.87 12.11 27.59
CA THR A 30 3.42 10.76 27.89
C THR A 30 2.02 10.77 28.49
N VAL A 31 1.36 9.63 28.41
CA VAL A 31 0.01 9.46 28.94
C VAL A 31 0.01 8.24 29.84
N PRO A 32 -0.94 8.15 30.78
CA PRO A 32 -0.98 7.00 31.69
C PRO A 32 -1.41 5.72 30.96
N CYS A 33 -0.66 4.64 31.19
CA CYS A 33 -1.05 3.33 30.67
C CYS A 33 -0.75 2.28 31.73
N ARG A 34 -1.62 1.27 31.84
CA ARG A 34 -1.52 0.24 32.85
C ARG A 34 -1.27 -1.11 32.20
N LYS A 35 -0.84 -2.06 33.03
CA LYS A 35 -0.51 -3.42 32.61
C LYS A 35 -0.96 -4.39 33.70
N PHE A 36 -1.67 -5.43 33.31
CA PHE A 36 -2.07 -6.48 34.24
C PHE A 36 -0.97 -7.54 34.24
N VAL A 37 -0.18 -7.58 35.33
CA VAL A 37 0.96 -8.46 35.43
C VAL A 37 0.66 -9.53 36.48
N LYS A 38 0.91 -10.78 36.11
CA LYS A 38 0.65 -11.90 37.01
C LYS A 38 1.64 -11.92 38.16
N ILE A 39 1.19 -12.44 39.30
CA ILE A 39 2.03 -12.48 40.49
C ILE A 39 3.13 -13.53 40.33
N ASN A 40 2.81 -14.67 39.73
CA ASN A 40 3.80 -15.70 39.42
C ASN A 40 3.40 -16.38 38.10
N ASN A 41 4.12 -17.45 37.76
CA ASN A 41 3.94 -18.14 36.48
C ASN A 41 3.05 -19.37 36.59
N SER A 42 2.17 -19.40 37.58
CA SER A 42 1.25 -20.52 37.81
C SER A 42 -0.22 -20.13 37.67
N THR A 43 -0.64 -19.06 38.34
CA THR A 43 -2.02 -18.58 38.32
C THR A 43 -2.20 -17.57 37.20
N ASN A 44 -3.40 -16.98 37.09
CA ASN A 44 -3.49 -15.76 36.32
C ASN A 44 -3.65 -14.59 37.28
N GLU A 45 -3.49 -14.85 38.59
CA GLU A 45 -3.66 -13.81 39.58
C GLU A 45 -2.64 -12.70 39.36
N GLY A 46 -3.12 -11.47 39.42
CA GLY A 46 -2.24 -10.33 39.22
C GLY A 46 -2.98 -9.07 39.53
N MET A 47 -2.26 -7.97 39.40
CA MET A 47 -2.79 -6.65 39.64
C MET A 47 -2.24 -5.70 38.59
N ASN A 48 -2.88 -4.55 38.47
CA ASN A 48 -2.41 -3.54 37.52
C ASN A 48 -1.20 -2.81 38.07
N VAL A 49 -0.23 -2.59 37.20
CA VAL A 49 0.89 -1.68 37.47
C VAL A 49 0.77 -0.56 36.45
N LYS A 50 0.85 0.69 36.92
CA LYS A 50 0.64 1.83 36.06
C LYS A 50 1.97 2.29 35.48
N LYS A 51 1.94 2.65 34.20
CA LYS A 51 3.14 3.01 33.45
C LYS A 51 2.84 4.27 32.65
N CYS A 52 3.86 4.75 31.95
CA CYS A 52 3.71 5.91 31.07
C CYS A 52 3.96 5.47 29.63
N CYS A 53 3.19 6.01 28.69
CA CYS A 53 3.28 5.61 27.30
C CYS A 53 3.42 6.83 26.41
N LYS A 54 4.30 6.72 25.42
CA LYS A 54 4.54 7.77 24.46
C LYS A 54 4.89 7.12 23.12
N GLY A 55 4.88 7.94 22.08
CA GLY A 55 5.27 7.47 20.77
C GLY A 55 4.43 8.10 19.68
N PHE A 56 4.65 7.63 18.45
CA PHE A 56 3.96 8.19 17.29
C PHE A 56 2.45 7.94 17.37
N CYS A 57 2.05 6.70 17.67
CA CYS A 57 0.64 6.37 17.74
C CYS A 57 0.00 6.78 19.05
N ILE A 58 0.80 7.01 20.10
CA ILE A 58 0.28 7.65 21.29
C ILE A 58 -0.08 9.10 20.99
N ASP A 59 0.76 9.78 20.21
CA ASP A 59 0.44 11.16 19.82
C ASP A 59 -0.75 11.20 18.87
N ILE A 60 -0.96 10.13 18.10
CA ILE A 60 -2.18 10.03 17.30
C ILE A 60 -3.39 9.87 18.21
N LEU A 61 -3.26 9.04 19.26
CA LEU A 61 -4.36 8.85 20.19
C LEU A 61 -4.71 10.13 20.93
N LYS A 62 -3.69 10.92 21.29
CA LYS A 62 -3.95 12.20 21.95
C LYS A 62 -4.69 13.15 21.03
N LYS A 63 -4.30 13.18 19.75
CA LYS A 63 -5.00 14.02 18.78
C LYS A 63 -6.42 13.51 18.55
N LEU A 64 -6.60 12.19 18.50
CA LEU A 64 -7.92 11.63 18.25
C LEU A 64 -8.90 11.97 19.38
N SER A 65 -8.43 11.95 20.63
CA SER A 65 -9.32 12.19 21.75
C SER A 65 -9.45 13.67 22.10
N ARG A 66 -8.67 14.54 21.46
CA ARG A 66 -8.98 15.95 21.45
C ARG A 66 -10.00 16.29 20.38
N THR A 67 -9.81 15.74 19.18
CA THR A 67 -10.68 16.09 18.05
C THR A 67 -12.05 15.43 18.18
N VAL A 68 -12.08 14.12 18.38
CA VAL A 68 -13.35 13.42 18.56
C VAL A 68 -13.94 13.65 19.95
N LYS A 69 -13.14 14.13 20.89
CA LYS A 69 -13.59 14.50 22.23
C LYS A 69 -14.10 13.29 23.02
N PHE A 70 -13.19 12.35 23.27
CA PHE A 70 -13.47 11.22 24.14
C PHE A 70 -12.35 11.08 25.17
N THR A 71 -12.71 10.55 26.34
CA THR A 71 -11.72 10.19 27.34
C THR A 71 -11.52 8.68 27.34
N TYR A 72 -10.32 8.25 27.69
CA TYR A 72 -9.93 6.87 27.51
C TYR A 72 -9.08 6.39 28.66
N ASP A 73 -9.01 5.06 28.79
CA ASP A 73 -8.11 4.39 29.73
C ASP A 73 -7.27 3.41 28.91
N LEU A 74 -5.98 3.74 28.76
CA LEU A 74 -5.07 2.96 27.93
C LEU A 74 -4.43 1.84 28.76
N TYR A 75 -4.45 0.62 28.22
CA TYR A 75 -3.82 -0.51 28.88
C TYR A 75 -3.06 -1.34 27.85
N LEU A 76 -2.07 -2.07 28.33
CA LEU A 76 -1.15 -2.81 27.48
C LEU A 76 -1.55 -4.29 27.44
N VAL A 77 -1.55 -4.86 26.24
CA VAL A 77 -1.96 -6.25 26.06
C VAL A 77 -0.99 -7.18 26.80
N THR A 78 -1.55 -8.26 27.35
CA THR A 78 -0.77 -9.21 28.14
C THR A 78 -0.72 -10.60 27.56
N ASN A 79 -1.74 -11.01 26.78
CA ASN A 79 -1.80 -12.33 26.18
C ASN A 79 -1.55 -12.17 24.68
N GLY A 80 -0.31 -12.39 24.26
CA GLY A 80 0.07 -12.21 22.88
C GLY A 80 0.64 -10.83 22.61
N LYS A 81 0.76 -10.53 21.31
CA LYS A 81 1.34 -9.26 20.89
C LYS A 81 0.34 -8.57 19.98
N HIS A 82 0.56 -8.58 18.66
CA HIS A 82 -0.34 -7.87 17.74
C HIS A 82 -1.65 -8.63 17.56
N GLY A 83 -1.56 -9.89 17.14
CA GLY A 83 -2.75 -10.69 16.90
C GLY A 83 -2.51 -11.94 16.08
N LYS A 84 -2.94 -13.08 16.59
CA LYS A 84 -2.82 -14.35 15.89
C LYS A 84 -3.93 -15.28 16.37
N LYS A 85 -4.44 -16.10 15.46
CA LYS A 85 -5.43 -17.11 15.80
C LYS A 85 -4.69 -18.36 16.27
N VAL A 86 -4.63 -18.54 17.58
CA VAL A 86 -3.99 -19.70 18.19
C VAL A 86 -5.07 -20.58 18.78
N ASN A 87 -5.19 -21.80 18.25
CA ASN A 87 -6.23 -22.75 18.67
C ASN A 87 -7.63 -22.14 18.53
N ASN A 88 -7.85 -21.46 17.41
CA ASN A 88 -9.10 -20.78 17.08
C ASN A 88 -9.51 -19.71 18.09
N VAL A 89 -8.57 -19.15 18.84
CA VAL A 89 -8.85 -17.98 19.67
C VAL A 89 -7.81 -16.91 19.35
N TRP A 90 -8.28 -15.69 19.21
CA TRP A 90 -7.41 -14.57 18.88
C TRP A 90 -6.70 -14.09 20.14
N ASN A 91 -5.40 -13.87 20.04
CA ASN A 91 -4.62 -13.30 21.12
C ASN A 91 -4.21 -11.88 20.75
N GLY A 92 -3.42 -11.27 21.62
CA GLY A 92 -2.91 -9.95 21.31
C GLY A 92 -3.98 -8.89 21.27
N MET A 93 -3.65 -7.79 20.58
CA MET A 93 -4.57 -6.66 20.49
C MET A 93 -5.83 -7.03 19.73
N ILE A 94 -5.71 -7.83 18.68
CA ILE A 94 -6.87 -8.26 17.90
C ILE A 94 -7.87 -8.97 18.81
N GLY A 95 -7.38 -9.88 19.66
CA GLY A 95 -8.28 -10.60 20.55
C GLY A 95 -9.00 -9.70 21.53
N GLU A 96 -8.31 -8.67 22.04
CA GLU A 96 -8.94 -7.75 22.98
C GLU A 96 -10.11 -7.03 22.34
N VAL A 97 -10.02 -6.72 21.04
CA VAL A 97 -11.13 -6.08 20.35
C VAL A 97 -12.20 -7.11 19.97
N VAL A 98 -11.76 -8.28 19.49
CA VAL A 98 -12.69 -9.33 19.10
C VAL A 98 -13.61 -9.70 20.25
N TYR A 99 -13.04 -9.92 21.43
CA TYR A 99 -13.81 -10.32 22.60
C TYR A 99 -14.31 -9.13 23.41
N GLN A 100 -14.18 -7.92 22.86
CA GLN A 100 -14.87 -6.73 23.36
C GLN A 100 -14.43 -6.36 24.77
N ARG A 101 -13.12 -6.51 25.04
CA ARG A 101 -12.54 -5.94 26.24
C ARG A 101 -11.97 -4.55 26.00
N ALA A 102 -11.70 -4.20 24.76
CA ALA A 102 -11.25 -2.88 24.36
C ALA A 102 -12.05 -2.41 23.16
N VAL A 103 -12.47 -1.15 23.18
CA VAL A 103 -13.20 -0.60 22.05
C VAL A 103 -12.26 -0.29 20.88
N MET A 104 -11.01 0.06 21.18
CA MET A 104 -10.05 0.39 20.13
C MET A 104 -8.72 -0.28 20.43
N ALA A 105 -7.96 -0.51 19.35
CA ALA A 105 -6.58 -0.98 19.44
C ALA A 105 -5.71 -0.02 18.67
N VAL A 106 -4.70 0.55 19.34
CA VAL A 106 -3.81 1.53 18.75
C VAL A 106 -2.37 1.00 18.84
N GLY A 107 -1.59 1.25 17.82
CA GLY A 107 -0.20 0.83 17.79
C GLY A 107 0.20 0.42 16.39
N SER A 108 1.36 -0.24 16.31
CA SER A 108 1.90 -0.72 15.04
C SER A 108 1.14 -1.93 14.54
N LEU A 109 -0.19 -1.82 14.45
CA LEU A 109 -1.06 -2.94 14.14
C LEU A 109 -1.22 -2.99 12.63
N THR A 110 -0.65 -4.01 12.00
CA THR A 110 -0.69 -4.12 10.55
C THR A 110 -2.08 -4.55 10.12
N ILE A 111 -2.65 -3.79 9.18
CA ILE A 111 -3.94 -4.17 8.64
C ILE A 111 -3.72 -5.35 7.72
N ASN A 112 -4.36 -6.45 8.05
CA ASN A 112 -4.42 -7.54 7.10
C ASN A 112 -5.86 -8.03 7.01
N GLU A 113 -5.98 -8.95 6.05
CA GLU A 113 -7.24 -9.47 5.53
C GLU A 113 -7.85 -10.55 6.42
N GLU A 114 -7.03 -11.37 7.08
CA GLU A 114 -7.58 -12.29 8.07
C GLU A 114 -8.10 -11.53 9.28
N ARG A 115 -7.41 -10.44 9.67
CA ARG A 115 -7.82 -9.65 10.82
C ARG A 115 -9.09 -8.87 10.55
N SER A 116 -9.27 -8.37 9.32
CA SER A 116 -10.44 -7.54 9.01
C SER A 116 -11.67 -8.37 8.73
N GLU A 117 -11.60 -9.69 8.86
CA GLU A 117 -12.79 -10.52 8.89
C GLU A 117 -13.44 -10.56 10.26
N VAL A 118 -12.71 -10.13 11.30
CA VAL A 118 -13.22 -10.16 12.67
C VAL A 118 -13.19 -8.81 13.35
N VAL A 119 -12.50 -7.81 12.78
CA VAL A 119 -12.50 -6.46 13.31
C VAL A 119 -12.62 -5.47 12.16
N ASP A 120 -13.17 -4.30 12.45
CA ASP A 120 -13.20 -3.21 11.49
C ASP A 120 -11.94 -2.37 11.66
N PHE A 121 -11.51 -1.74 10.57
CA PHE A 121 -10.22 -1.06 10.56
C PHE A 121 -10.35 0.40 10.16
N SER A 122 -9.56 1.25 10.82
CA SER A 122 -9.29 2.59 10.36
C SER A 122 -8.75 2.60 8.94
N VAL A 123 -8.76 3.79 8.32
CA VAL A 123 -7.97 4.03 7.11
C VAL A 123 -6.52 3.87 7.53
N PRO A 124 -5.63 3.42 6.64
CA PRO A 124 -4.22 3.32 7.00
C PRO A 124 -3.62 4.71 7.21
N PHE A 125 -2.86 4.85 8.30
CA PHE A 125 -2.16 6.11 8.59
C PHE A 125 -0.65 5.95 8.56
N VAL A 126 -0.13 4.74 8.39
CA VAL A 126 1.30 4.48 8.21
C VAL A 126 1.45 3.44 7.11
N GLU A 127 2.18 3.77 6.05
CA GLU A 127 2.41 2.81 4.98
C GLU A 127 3.38 1.73 5.46
N THR A 128 3.01 0.47 5.24
CA THR A 128 3.88 -0.64 5.63
C THR A 128 3.71 -1.78 4.64
N GLY A 129 4.52 -2.82 4.86
CA GLY A 129 4.50 -4.03 4.07
C GLY A 129 5.54 -4.98 4.62
N ILE A 130 6.15 -5.78 3.76
CA ILE A 130 7.25 -6.66 4.13
C ILE A 130 8.52 -6.09 3.53
N SER A 131 9.57 -5.99 4.34
CA SER A 131 10.84 -5.46 3.90
C SER A 131 11.97 -6.39 4.36
N VAL A 132 13.10 -6.27 3.68
CA VAL A 132 14.28 -7.08 3.96
C VAL A 132 15.40 -6.15 4.39
N MET A 133 16.01 -6.44 5.53
CA MET A 133 17.14 -5.67 6.03
C MET A 133 18.39 -6.56 6.04
N VAL A 134 19.48 -6.04 5.48
CA VAL A 134 20.76 -6.73 5.44
C VAL A 134 21.82 -5.77 5.94
N SER A 135 22.99 -6.32 6.27
CA SER A 135 24.14 -5.50 6.61
C SER A 135 24.55 -4.65 5.40
N ARG A 136 24.99 -3.43 5.67
CA ARG A 136 25.47 -2.56 4.60
C ARG A 136 26.63 -3.25 3.88
N GLY A 137 26.40 -3.61 2.62
CA GLY A 137 27.38 -4.36 1.86
C GLY A 137 26.81 -5.61 1.24
N THR A 138 25.86 -6.25 1.93
CA THR A 138 25.15 -7.39 1.36
C THR A 138 24.22 -6.91 0.25
N GLN A 139 24.26 -7.60 -0.89
CA GLN A 139 23.51 -7.20 -2.07
C GLN A 139 22.42 -8.23 -2.34
N VAL A 140 21.17 -7.84 -2.11
CA VAL A 140 20.01 -8.66 -2.43
C VAL A 140 19.01 -7.81 -3.20
N THR A 141 18.37 -8.41 -4.20
CA THR A 141 17.37 -7.70 -4.98
C THR A 141 16.00 -7.68 -4.31
N GLY A 142 15.79 -8.51 -3.31
CA GLY A 142 14.51 -8.68 -2.67
C GLY A 142 14.32 -10.12 -2.26
N LEU A 143 13.08 -10.47 -1.93
CA LEU A 143 12.79 -11.82 -1.48
C LEU A 143 12.83 -12.85 -2.61
N SER A 144 12.80 -12.40 -3.86
CA SER A 144 12.90 -13.30 -5.01
C SER A 144 14.35 -13.54 -5.44
N ASP A 145 15.32 -12.99 -4.73
CA ASP A 145 16.72 -13.22 -5.03
C ASP A 145 17.05 -14.71 -4.85
N LYS A 146 18.11 -15.17 -5.51
CA LYS A 146 18.43 -16.59 -5.47
C LYS A 146 19.03 -17.01 -4.13
N LYS A 147 19.44 -16.05 -3.29
CA LYS A 147 19.87 -16.36 -1.94
C LYS A 147 18.70 -16.73 -1.05
N PHE A 148 17.50 -16.23 -1.36
CA PHE A 148 16.31 -16.56 -0.59
C PHE A 148 15.56 -17.77 -1.12
N GLN A 149 15.74 -18.12 -2.39
CA GLN A 149 15.02 -19.25 -2.97
C GLN A 149 15.85 -20.52 -2.93
N ARG A 150 17.16 -20.42 -3.12
CA ARG A 150 18.09 -21.55 -3.03
C ARG A 150 19.18 -21.21 -2.03
N PRO A 151 18.86 -21.16 -0.73
CA PRO A 151 19.87 -20.77 0.26
C PRO A 151 20.99 -21.78 0.42
N HIS A 152 20.78 -23.04 0.04
CA HIS A 152 21.82 -24.05 0.16
C HIS A 152 22.87 -23.97 -0.95
N ASP A 153 22.71 -23.06 -1.91
CA ASP A 153 23.71 -22.81 -2.93
C ASP A 153 24.85 -21.93 -2.44
N TYR A 154 24.83 -21.50 -1.19
CA TYR A 154 25.79 -20.55 -0.66
C TYR A 154 26.45 -21.11 0.59
N SER A 155 27.69 -20.70 0.83
CA SER A 155 28.49 -21.22 1.94
C SER A 155 28.86 -20.10 2.89
N PRO A 156 28.32 -20.07 4.13
CA PRO A 156 27.35 -21.02 4.69
C PRO A 156 25.96 -20.79 4.09
N PRO A 157 25.02 -21.72 4.30
CA PRO A 157 23.66 -21.51 3.80
C PRO A 157 23.13 -20.16 4.24
N PHE A 158 22.41 -19.48 3.33
CA PHE A 158 21.95 -18.14 3.58
C PHE A 158 21.03 -18.09 4.80
N ARG A 159 21.42 -17.30 5.79
CA ARG A 159 20.73 -17.22 7.08
C ARG A 159 19.80 -16.02 7.08
N PHE A 160 18.49 -16.28 7.05
CA PHE A 160 17.51 -15.20 7.12
C PHE A 160 16.28 -15.68 7.88
N GLY A 161 15.67 -14.77 8.62
CA GLY A 161 14.50 -15.10 9.41
C GLY A 161 13.68 -13.87 9.74
N THR A 162 12.62 -14.08 10.50
CA THR A 162 11.71 -13.01 10.90
C THR A 162 11.34 -13.20 12.37
N VAL A 163 10.39 -12.38 12.83
CA VAL A 163 9.83 -12.51 14.15
C VAL A 163 8.52 -13.32 14.03
N PRO A 164 8.39 -14.43 14.71
CA PRO A 164 7.23 -15.30 14.49
C PRO A 164 5.95 -14.69 15.07
N ASN A 165 4.83 -15.28 14.64
CA ASN A 165 3.47 -15.05 15.16
C ASN A 165 2.88 -13.72 14.72
N GLY A 166 3.44 -13.06 13.72
CA GLY A 166 2.91 -11.77 13.31
C GLY A 166 2.37 -11.68 11.89
N SER A 167 2.19 -10.45 11.40
CA SER A 167 1.67 -10.27 10.05
C SER A 167 2.64 -10.79 8.99
N THR A 168 3.94 -10.64 9.23
CA THR A 168 4.92 -11.04 8.21
C THR A 168 4.97 -12.56 8.06
N GLU A 169 4.99 -13.29 9.18
CA GLU A 169 5.10 -14.75 9.10
C GLU A 169 3.88 -15.36 8.40
N ARG A 170 2.69 -14.83 8.67
CA ARG A 170 1.49 -15.36 8.01
C ARG A 170 1.58 -15.19 6.50
N ASN A 171 2.07 -14.04 6.04
CA ASN A 171 2.19 -13.81 4.60
C ASN A 171 3.17 -14.79 3.96
N ILE A 172 4.19 -15.20 4.70
CA ILE A 172 5.15 -16.17 4.17
C ILE A 172 4.60 -17.59 4.30
N ARG A 173 4.00 -17.90 5.46
CA ARG A 173 3.55 -19.27 5.71
C ARG A 173 2.36 -19.65 4.83
N ASN A 174 1.53 -18.68 4.45
CA ASN A 174 0.35 -18.95 3.64
C ASN A 174 0.64 -19.05 2.14
N ASN A 175 1.86 -18.73 1.70
CA ASN A 175 2.09 -18.65 0.26
C ASN A 175 3.36 -19.36 -0.18
N TYR A 176 4.39 -19.37 0.67
CA TYR A 176 5.69 -19.96 0.33
C TYR A 176 6.10 -20.90 1.45
N PRO A 177 5.58 -22.13 1.45
CA PRO A 177 5.82 -23.04 2.59
C PRO A 177 7.30 -23.39 2.77
N TYR A 178 8.03 -23.62 1.69
CA TYR A 178 9.46 -23.97 1.84
C TYR A 178 10.23 -22.83 2.49
N MET A 179 10.01 -21.61 2.01
CA MET A 179 10.70 -20.45 2.59
C MET A 179 10.42 -20.36 4.08
N HIS A 180 9.15 -20.53 4.48
CA HIS A 180 8.79 -20.42 5.88
C HIS A 180 9.46 -21.51 6.71
N GLN A 181 9.39 -22.77 6.25
CA GLN A 181 9.97 -23.87 6.99
C GLN A 181 11.48 -23.71 7.15
N TYR A 182 12.15 -23.15 6.14
CA TYR A 182 13.57 -22.88 6.26
C TYR A 182 13.84 -21.74 7.24
N MET A 183 12.93 -20.78 7.34
CA MET A 183 13.15 -19.59 8.16
C MET A 183 13.07 -19.89 9.65
N THR A 184 12.20 -20.81 10.06
CA THR A 184 11.88 -20.94 11.48
C THR A 184 13.09 -21.30 12.33
N ARG A 185 14.10 -21.95 11.74
CA ARG A 185 15.33 -22.17 12.49
C ARG A 185 16.10 -20.86 12.73
N PHE A 186 15.82 -19.83 11.93
CA PHE A 186 16.38 -18.50 12.13
C PHE A 186 15.36 -17.55 12.72
N ASN A 187 14.36 -18.08 13.43
CA ASN A 187 13.37 -17.23 14.07
C ASN A 187 14.05 -16.23 15.00
N GLN A 188 13.74 -14.96 14.80
CA GLN A 188 14.31 -13.90 15.62
C GLN A 188 13.29 -13.53 16.69
N ARG A 189 13.75 -13.46 17.95
CA ARG A 189 12.84 -13.23 19.06
C ARG A 189 12.35 -11.78 19.08
N GLY A 190 13.20 -10.84 18.71
CA GLY A 190 12.85 -9.44 18.71
C GLY A 190 13.63 -8.69 17.65
N VAL A 191 13.22 -7.45 17.41
CA VAL A 191 13.91 -6.61 16.46
C VAL A 191 15.35 -6.36 16.90
N GLU A 192 15.56 -6.07 18.18
CA GLU A 192 16.89 -5.72 18.66
C GLU A 192 17.86 -6.89 18.50
N ASP A 193 17.40 -8.12 18.73
CA ASP A 193 18.27 -9.27 18.57
C ASP A 193 18.71 -9.44 17.11
N ALA A 194 17.79 -9.20 16.18
CA ALA A 194 18.10 -9.40 14.76
C ALA A 194 19.13 -8.38 14.27
N LEU A 195 19.01 -7.13 14.71
CA LEU A 195 19.98 -6.12 14.30
C LEU A 195 21.38 -6.44 14.84
N VAL A 196 21.45 -7.02 16.05
CA VAL A 196 22.75 -7.36 16.63
C VAL A 196 23.41 -8.46 15.81
N SER A 197 22.65 -9.50 15.45
CA SER A 197 23.22 -10.58 14.65
C SER A 197 23.58 -10.11 13.25
N LEU A 198 22.86 -9.14 12.70
CA LEU A 198 23.18 -8.62 11.38
C LEU A 198 24.50 -7.87 11.40
N LYS A 199 24.70 -7.00 12.39
CA LYS A 199 25.91 -6.18 12.44
C LYS A 199 27.13 -6.95 12.92
N THR A 200 26.94 -8.05 13.63
CA THR A 200 28.04 -8.90 14.06
C THR A 200 28.33 -10.04 13.10
N GLY A 201 27.57 -10.14 12.00
CA GLY A 201 27.79 -11.18 11.02
C GLY A 201 27.20 -12.53 11.32
N LYS A 202 26.28 -12.61 12.29
CA LYS A 202 25.64 -13.88 12.62
C LYS A 202 24.36 -14.12 11.85
N LEU A 203 23.81 -13.10 11.20
CA LEU A 203 22.62 -13.25 10.36
C LEU A 203 22.84 -12.49 9.07
N ASP A 204 22.33 -13.04 7.96
CA ASP A 204 22.53 -12.43 6.65
C ASP A 204 21.41 -11.48 6.27
N ALA A 205 20.16 -11.79 6.65
CA ALA A 205 19.03 -10.96 6.29
C ALA A 205 17.95 -11.10 7.35
N PHE A 206 17.23 -10.00 7.59
CA PHE A 206 16.14 -9.96 8.56
C PHE A 206 14.88 -9.47 7.85
N ILE A 207 13.90 -10.37 7.72
CA ILE A 207 12.61 -10.03 7.13
C ILE A 207 11.69 -9.52 8.23
N TYR A 208 11.04 -8.39 7.98
CA TYR A 208 10.21 -7.78 9.02
C TYR A 208 9.34 -6.71 8.39
N ASP A 209 8.51 -6.08 9.24
CA ASP A 209 7.63 -5.00 8.83
C ASP A 209 8.42 -3.84 8.21
N ALA A 210 7.85 -3.26 7.15
CA ALA A 210 8.57 -2.24 6.38
C ALA A 210 8.74 -0.95 7.18
N ALA A 211 7.70 -0.53 7.92
CA ALA A 211 7.78 0.73 8.64
C ALA A 211 8.81 0.68 9.76
N VAL A 212 8.87 -0.44 10.47
CA VAL A 212 9.84 -0.57 11.57
C VAL A 212 11.26 -0.63 11.03
N LEU A 213 11.48 -1.42 9.97
CA LEU A 213 12.82 -1.56 9.42
C LEU A 213 13.34 -0.26 8.83
N ASN A 214 12.46 0.52 8.19
CA ASN A 214 12.88 1.80 7.64
C ASN A 214 13.30 2.77 8.74
N TYR A 215 12.60 2.75 9.87
CA TYR A 215 12.97 3.60 11.00
C TYR A 215 14.28 3.15 11.62
N LYS A 216 14.45 1.84 11.82
CA LYS A 216 15.67 1.33 12.44
C LYS A 216 16.90 1.61 11.57
N ALA A 217 16.76 1.42 10.25
CA ALA A 217 17.88 1.74 9.36
C ALA A 217 18.13 3.24 9.29
N GLY A 218 17.11 4.05 9.56
CA GLY A 218 17.26 5.50 9.42
C GLY A 218 18.14 6.13 10.49
N ARG A 219 18.12 5.58 11.71
CA ARG A 219 18.87 6.17 12.81
C ARG A 219 19.78 5.15 13.49
N ASP A 220 20.29 4.19 12.72
CA ASP A 220 21.18 3.19 13.30
C ASP A 220 22.54 3.81 13.62
N GLU A 221 23.10 3.40 14.76
CA GLU A 221 24.42 3.85 15.19
C GLU A 221 25.50 3.42 14.22
N GLY A 222 25.94 4.34 13.35
CA GLY A 222 26.96 4.07 12.37
C GLY A 222 26.44 3.82 10.97
N CYS A 223 25.11 3.74 10.79
CA CYS A 223 24.47 3.50 9.50
C CYS A 223 25.05 2.24 8.83
N LYS A 224 24.86 1.12 9.50
CA LYS A 224 25.34 -0.18 9.04
C LYS A 224 24.25 -1.03 8.38
N LEU A 225 22.99 -0.61 8.45
CA LEU A 225 21.88 -1.44 8.01
C LEU A 225 21.18 -0.79 6.82
N VAL A 226 20.86 -1.60 5.83
CA VAL A 226 20.17 -1.17 4.61
C VAL A 226 18.90 -1.99 4.48
N THR A 227 17.80 -1.33 4.16
CA THR A 227 16.51 -1.99 3.96
C THR A 227 16.08 -1.87 2.50
N ILE A 228 15.57 -2.98 1.97
CA ILE A 228 15.06 -3.04 0.60
C ILE A 228 13.70 -3.72 0.64
N GLY A 229 12.83 -3.34 -0.30
CA GLY A 229 11.50 -3.92 -0.33
C GLY A 229 11.55 -5.40 -0.64
N SER A 230 10.62 -6.15 -0.01
CA SER A 230 10.49 -7.58 -0.29
C SER A 230 10.27 -7.84 -1.77
N GLY A 231 9.53 -6.97 -2.45
CA GLY A 231 8.92 -7.30 -3.71
C GLY A 231 7.60 -8.05 -3.58
N TYR A 232 7.22 -8.43 -2.36
CA TYR A 232 5.93 -9.08 -2.09
C TYR A 232 4.86 -7.99 -2.07
N ILE A 233 4.54 -7.48 -3.26
CA ILE A 233 3.58 -6.39 -3.38
C ILE A 233 2.20 -6.82 -2.90
N PHE A 234 1.90 -8.13 -2.96
CA PHE A 234 0.64 -8.63 -2.44
C PHE A 234 0.46 -8.35 -0.95
N ALA A 235 1.54 -8.06 -0.24
CA ALA A 235 1.51 -7.85 1.20
C ALA A 235 1.54 -6.37 1.58
N THR A 236 1.44 -5.47 0.61
CA THR A 236 1.47 -4.05 0.93
C THR A 236 0.17 -3.64 1.61
N THR A 237 0.29 -2.85 2.68
CA THR A 237 -0.86 -2.43 3.46
C THR A 237 -0.47 -1.27 4.37
N GLY A 238 -1.02 -1.22 5.58
CA GLY A 238 -0.65 -0.15 6.49
C GLY A 238 -1.11 -0.45 7.90
N TYR A 239 -0.66 0.40 8.82
CA TYR A 239 -1.14 0.36 10.19
C TYR A 239 -2.54 0.95 10.27
N GLY A 240 -3.39 0.34 11.08
CA GLY A 240 -4.74 0.83 11.25
C GLY A 240 -5.20 0.70 12.69
N ILE A 241 -6.08 1.61 13.08
CA ILE A 241 -6.76 1.52 14.37
C ILE A 241 -7.82 0.43 14.27
N ALA A 242 -7.69 -0.60 15.10
CA ALA A 242 -8.64 -1.71 15.07
C ALA A 242 -9.88 -1.37 15.89
N LEU A 243 -11.05 -1.58 15.30
CA LEU A 243 -12.31 -1.38 15.97
C LEU A 243 -13.15 -2.65 15.88
N GLN A 244 -14.09 -2.79 16.82
CA GLN A 244 -14.99 -3.92 16.81
C GLN A 244 -15.77 -3.98 15.51
N LYS A 245 -16.14 -5.19 15.09
CA LYS A 245 -16.83 -5.37 13.83
C LYS A 245 -18.15 -4.61 13.84
N GLY A 246 -18.34 -3.76 12.83
CA GLY A 246 -19.52 -2.92 12.79
C GLY A 246 -19.50 -1.80 13.80
N SER A 247 -18.31 -1.31 14.15
CA SER A 247 -18.22 -0.28 15.19
C SER A 247 -18.82 1.03 14.69
N PRO A 248 -19.61 1.72 15.53
CA PRO A 248 -20.14 3.02 15.14
C PRO A 248 -19.11 4.15 15.17
N TRP A 249 -17.87 3.86 15.57
CA TRP A 249 -16.85 4.89 15.71
C TRP A 249 -15.88 4.91 14.53
N LYS A 250 -15.96 3.93 13.61
CA LYS A 250 -15.08 3.93 12.45
C LYS A 250 -15.27 5.20 11.63
N ARG A 251 -16.50 5.70 11.56
CA ARG A 251 -16.78 6.89 10.76
C ARG A 251 -16.08 8.12 11.34
N GLN A 252 -16.22 8.35 12.65
CA GLN A 252 -15.63 9.52 13.26
C GLN A 252 -14.12 9.40 13.46
N ILE A 253 -13.61 8.19 13.67
CA ILE A 253 -12.17 8.01 13.80
C ILE A 253 -11.49 8.26 12.46
N ASP A 254 -12.08 7.77 11.36
CA ASP A 254 -11.51 8.01 10.04
C ASP A 254 -11.57 9.49 9.67
N LEU A 255 -12.67 10.16 10.01
CA LEU A 255 -12.79 11.58 9.68
C LEU A 255 -11.72 12.41 10.36
N ALA A 256 -11.38 12.08 11.60
CA ALA A 256 -10.35 12.82 12.32
C ALA A 256 -8.97 12.57 11.73
N LEU A 257 -8.68 11.31 11.36
CA LEU A 257 -7.39 11.00 10.76
C LEU A 257 -7.21 11.71 9.43
N LEU A 258 -8.25 11.71 8.59
CA LEU A 258 -8.20 12.43 7.32
C LEU A 258 -7.96 13.92 7.55
N GLN A 259 -8.46 14.46 8.66
CA GLN A 259 -8.21 15.84 9.01
C GLN A 259 -6.72 16.08 9.25
N PHE A 260 -6.11 15.19 10.03
CA PHE A 260 -4.69 15.31 10.33
C PHE A 260 -3.86 15.20 9.06
N VAL A 261 -4.23 14.29 8.17
CA VAL A 261 -3.52 14.16 6.90
C VAL A 261 -3.72 15.42 6.06
N GLY A 262 -4.88 16.06 6.18
CA GLY A 262 -5.19 17.25 5.41
C GLY A 262 -4.52 18.52 5.91
N ASP A 263 -4.47 18.73 7.23
CA ASP A 263 -3.97 19.98 7.79
C ASP A 263 -2.49 19.92 8.16
N GLY A 264 -1.81 18.82 7.85
CA GLY A 264 -0.38 18.71 8.09
C GLY A 264 0.02 18.21 9.47
N GLU A 265 -0.95 17.93 10.34
CA GLU A 265 -0.61 17.39 11.66
C GLU A 265 0.08 16.03 11.54
N MET A 266 -0.29 15.25 10.52
CA MET A 266 0.29 13.92 10.36
C MET A 266 1.75 14.00 9.92
N GLU A 267 2.04 14.80 8.88
CA GLU A 267 3.40 14.93 8.41
C GLU A 267 4.32 15.54 9.47
N GLU A 268 3.76 16.41 10.32
CA GLU A 268 4.55 16.97 11.42
C GLU A 268 4.80 15.93 12.49
N LEU A 269 3.85 15.03 12.71
CA LEU A 269 4.09 13.89 13.61
C LEU A 269 5.13 12.96 13.00
N GLU A 270 5.14 12.82 11.68
CA GLU A 270 6.06 11.91 11.01
C GLU A 270 7.50 12.41 11.11
N THR A 271 7.70 13.72 11.17
CA THR A 271 9.05 14.29 11.28
C THR A 271 9.48 14.46 12.73
N LEU A 272 8.58 14.23 13.69
CA LEU A 272 8.96 14.16 15.08
C LEU A 272 9.42 12.77 15.51
N TRP A 273 8.84 11.71 14.93
CA TRP A 273 9.08 10.35 15.40
C TRP A 273 9.82 9.47 14.39
N LEU A 274 9.54 9.61 13.10
CA LEU A 274 9.87 8.58 12.13
C LEU A 274 11.03 8.90 11.19
N THR A 275 11.43 10.17 11.06
CA THR A 275 12.52 10.51 10.16
C THR A 275 13.83 9.85 10.60
N GLY A 276 14.67 9.56 9.60
CA GLY A 276 15.97 8.96 9.82
C GLY A 276 17.08 9.82 9.25
N ILE A 277 18.31 9.32 9.41
CA ILE A 277 19.50 10.09 9.06
C ILE A 277 20.35 9.36 8.02
N CYS A 278 20.31 8.03 8.05
CA CYS A 278 21.19 7.27 7.19
C CYS A 278 20.59 7.11 5.79
N HIS A 279 21.36 6.49 4.91
CA HIS A 279 21.01 6.33 3.50
C HIS A 279 20.63 7.67 2.87
N ASN B 1 -10.45 -16.88 -27.52
CA ASN B 1 -11.16 -18.09 -27.91
C ASN B 1 -12.23 -18.47 -26.89
N HIS B 2 -12.01 -18.10 -25.63
CA HIS B 2 -12.98 -18.43 -24.60
C HIS B 2 -13.22 -17.29 -23.63
N LEU B 3 -12.18 -16.85 -22.93
CA LEU B 3 -12.31 -15.81 -21.91
C LEU B 3 -12.23 -14.43 -22.55
N SER B 4 -13.25 -13.60 -22.30
CA SER B 4 -13.27 -12.23 -22.79
C SER B 4 -12.60 -11.33 -21.76
N ILE B 5 -11.53 -10.66 -22.16
CA ILE B 5 -10.73 -9.85 -21.26
C ILE B 5 -10.67 -8.43 -21.81
N VAL B 6 -11.01 -7.45 -20.96
CA VAL B 6 -11.01 -6.05 -21.35
C VAL B 6 -9.77 -5.39 -20.77
N THR B 7 -9.16 -4.49 -21.54
CA THR B 7 -8.00 -3.74 -21.10
C THR B 7 -8.16 -2.29 -21.52
N LEU B 8 -7.24 -1.45 -21.04
CA LEU B 8 -7.26 -0.03 -21.33
C LEU B 8 -5.83 0.45 -21.57
N GLU B 9 -5.66 1.31 -22.57
CA GLU B 9 -4.33 1.76 -22.96
C GLU B 9 -3.81 2.80 -21.97
N GLU B 10 -2.67 2.50 -21.35
CA GLU B 10 -1.92 3.50 -20.57
C GLU B 10 -0.50 3.00 -20.46
N ALA B 11 0.42 3.61 -21.22
CA ALA B 11 1.82 3.25 -21.13
C ALA B 11 2.34 3.51 -19.71
N PRO B 12 3.27 2.68 -19.23
CA PRO B 12 3.90 1.56 -19.92
C PRO B 12 3.19 0.24 -19.69
N PHE B 13 2.02 0.29 -19.05
CA PHE B 13 1.34 -0.94 -18.65
C PHE B 13 0.59 -1.58 -19.81
N VAL B 14 -0.01 -0.78 -20.68
CA VAL B 14 -0.65 -1.27 -21.89
C VAL B 14 -0.36 -0.29 -23.02
N ILE B 15 0.34 -0.75 -24.06
CA ILE B 15 0.64 0.05 -25.23
C ILE B 15 -0.09 -0.55 -26.42
N VAL B 16 -0.80 0.29 -27.15
CA VAL B 16 -1.61 -0.15 -28.29
C VAL B 16 -0.98 0.37 -29.57
N GLU B 17 -0.77 -0.53 -30.51
CA GLU B 17 -0.29 -0.18 -31.84
C GLU B 17 -1.17 -0.86 -32.88
N ASP B 18 -1.04 -0.43 -34.13
CA ASP B 18 -1.83 -0.99 -35.20
C ASP B 18 -1.18 -2.25 -35.75
N ILE B 19 -1.97 -3.05 -36.43
CA ILE B 19 -1.48 -4.27 -37.04
C ILE B 19 -0.77 -3.94 -38.34
N ASP B 20 0.23 -4.73 -38.68
CA ASP B 20 0.86 -4.62 -39.99
C ASP B 20 -0.14 -5.05 -41.06
N PRO B 21 -0.48 -4.18 -42.01
CA PRO B 21 -1.54 -4.55 -42.98
C PRO B 21 -1.13 -5.63 -43.96
N LEU B 22 0.15 -5.78 -44.28
CA LEU B 22 0.57 -6.85 -45.18
C LEU B 22 0.37 -8.23 -44.56
N THR B 23 0.28 -8.31 -43.23
CA THR B 23 0.20 -9.57 -42.52
C THR B 23 -1.15 -9.83 -41.86
N GLU B 24 -1.75 -8.81 -41.25
CA GLU B 24 -2.88 -8.92 -40.35
C GLU B 24 -2.48 -9.59 -39.03
N THR B 25 -1.20 -9.55 -38.68
CA THR B 25 -0.62 -10.34 -37.61
C THR B 25 -0.03 -9.41 -36.55
N CYS B 26 -0.15 -9.82 -35.29
CA CYS B 26 0.61 -9.21 -34.20
C CYS B 26 1.79 -10.10 -33.85
N VAL B 27 3.01 -9.58 -34.03
CA VAL B 27 4.23 -10.33 -33.75
C VAL B 27 5.06 -9.58 -32.71
N ARG B 28 6.24 -10.13 -32.41
CA ARG B 28 7.13 -9.67 -31.34
C ARG B 28 6.48 -9.92 -29.98
N ASN B 29 6.52 -8.91 -29.11
CA ASN B 29 6.03 -9.04 -27.74
C ASN B 29 4.56 -8.63 -27.61
N THR B 30 3.83 -8.56 -28.71
CA THR B 30 2.46 -8.05 -28.70
C THR B 30 1.46 -9.17 -28.94
N VAL B 31 0.23 -8.93 -28.53
CA VAL B 31 -0.86 -9.90 -28.67
C VAL B 31 -2.02 -9.21 -29.36
N PRO B 32 -2.90 -9.99 -30.01
CA PRO B 32 -4.06 -9.38 -30.69
C PRO B 32 -5.07 -8.84 -29.68
N CYS B 33 -5.49 -7.60 -29.90
CA CYS B 33 -6.54 -6.94 -29.14
C CYS B 33 -7.38 -6.16 -30.13
N ARG B 34 -8.70 -6.14 -29.92
CA ARG B 34 -9.62 -5.49 -30.85
C ARG B 34 -10.31 -4.31 -30.18
N LYS B 35 -10.90 -3.45 -31.01
CA LYS B 35 -11.60 -2.25 -30.55
C LYS B 35 -12.86 -2.05 -31.37
N PHE B 36 -13.98 -1.82 -30.69
CA PHE B 36 -15.26 -1.51 -31.33
C PHE B 36 -15.36 0.00 -31.50
N VAL B 37 -15.24 0.48 -32.73
CA VAL B 37 -15.23 1.91 -33.02
C VAL B 37 -16.50 2.26 -33.76
N LYS B 38 -17.18 3.32 -33.31
CA LYS B 38 -18.42 3.73 -33.93
C LYS B 38 -18.16 4.33 -35.31
N ILE B 39 -19.14 4.19 -36.20
CA ILE B 39 -18.97 4.68 -37.57
C ILE B 39 -19.01 6.20 -37.60
N ASN B 40 -19.88 6.82 -36.80
CA ASN B 40 -19.90 8.27 -36.67
C ASN B 40 -20.31 8.62 -35.24
N ASN B 41 -20.51 9.91 -34.99
CA ASN B 41 -20.81 10.43 -33.67
C ASN B 41 -22.30 10.66 -33.45
N SER B 42 -23.16 9.91 -34.15
CA SER B 42 -24.60 10.08 -34.03
C SER B 42 -25.28 8.86 -33.40
N THR B 43 -25.09 7.69 -33.99
CA THR B 43 -25.67 6.44 -33.50
C THR B 43 -24.63 5.72 -32.65
N ASN B 44 -24.97 4.51 -32.19
CA ASN B 44 -24.01 3.60 -31.60
C ASN B 44 -23.56 2.55 -32.59
N GLU B 45 -23.85 2.75 -33.87
CA GLU B 45 -23.40 1.85 -34.93
C GLU B 45 -21.89 1.82 -35.00
N GLY B 46 -21.32 0.64 -35.16
CA GLY B 46 -19.87 0.54 -35.26
C GLY B 46 -19.43 -0.85 -35.67
N MET B 47 -18.11 -0.99 -35.80
CA MET B 47 -17.50 -2.26 -36.17
C MET B 47 -16.22 -2.45 -35.37
N ASN B 48 -15.77 -3.70 -35.29
CA ASN B 48 -14.52 -4.02 -34.62
C ASN B 48 -13.34 -3.78 -35.56
N VAL B 49 -12.30 -3.16 -35.02
CA VAL B 49 -11.01 -3.03 -35.71
C VAL B 49 -9.94 -3.70 -34.84
N LYS B 50 -9.08 -4.48 -35.48
CA LYS B 50 -8.07 -5.26 -34.77
C LYS B 50 -6.78 -4.47 -34.61
N LYS B 51 -6.18 -4.58 -33.42
CA LYS B 51 -4.99 -3.84 -33.06
C LYS B 51 -4.03 -4.80 -32.37
N CYS B 52 -2.84 -4.30 -32.01
CA CYS B 52 -1.85 -5.07 -31.27
C CYS B 52 -1.61 -4.41 -29.92
N CYS B 53 -1.39 -5.23 -28.89
CA CYS B 53 -1.25 -4.76 -27.52
C CYS B 53 0.02 -5.32 -26.90
N LYS B 54 0.75 -4.47 -26.19
CA LYS B 54 1.95 -4.87 -25.47
C LYS B 54 2.06 -4.04 -24.21
N GLY B 55 2.94 -4.45 -23.31
CA GLY B 55 3.21 -3.69 -22.11
C GLY B 55 3.43 -4.57 -20.91
N PHE B 56 3.56 -3.93 -19.75
CA PHE B 56 3.83 -4.67 -18.51
C PHE B 56 2.66 -5.57 -18.14
N CYS B 57 1.44 -5.04 -18.20
CA CYS B 57 0.27 -5.83 -17.83
C CYS B 57 -0.16 -6.77 -18.95
N ILE B 58 0.25 -6.50 -20.19
CA ILE B 58 0.08 -7.48 -21.26
C ILE B 58 0.99 -8.68 -21.03
N ASP B 59 2.23 -8.43 -20.59
CA ASP B 59 3.14 -9.53 -20.31
C ASP B 59 2.71 -10.31 -19.08
N ILE B 60 2.02 -9.66 -18.14
CA ILE B 60 1.41 -10.39 -17.03
C ILE B 60 0.29 -11.29 -17.54
N LEU B 61 -0.51 -10.78 -18.47
CA LEU B 61 -1.59 -11.59 -19.03
C LEU B 61 -1.05 -12.79 -19.80
N LYS B 62 0.06 -12.61 -20.53
CA LYS B 62 0.65 -13.72 -21.24
C LYS B 62 1.13 -14.81 -20.30
N LYS B 63 1.74 -14.42 -19.17
CA LYS B 63 2.18 -15.39 -18.19
C LYS B 63 1.00 -16.10 -17.53
N LEU B 64 -0.07 -15.35 -17.23
CA LEU B 64 -1.23 -15.95 -16.56
C LEU B 64 -1.89 -17.00 -17.44
N SER B 65 -1.98 -16.76 -18.75
CA SER B 65 -2.66 -17.70 -19.63
C SER B 65 -1.75 -18.81 -20.14
N ARG B 66 -0.45 -18.72 -19.86
CA ARG B 66 0.43 -19.88 -19.97
C ARG B 66 0.36 -20.74 -18.72
N THR B 67 0.40 -20.11 -17.54
CA THR B 67 0.46 -20.86 -16.29
C THR B 67 -0.90 -21.49 -15.97
N VAL B 68 -1.97 -20.69 -15.98
CA VAL B 68 -3.30 -21.22 -15.72
C VAL B 68 -3.86 -21.98 -16.91
N LYS B 69 -3.26 -21.84 -18.09
CA LYS B 69 -3.63 -22.58 -19.29
C LYS B 69 -5.04 -22.22 -19.76
N PHE B 70 -5.23 -20.95 -20.10
CA PHE B 70 -6.46 -20.50 -20.72
C PHE B 70 -6.15 -19.68 -21.96
N THR B 71 -7.07 -19.70 -22.91
CA THR B 71 -7.04 -18.84 -24.07
C THR B 71 -8.05 -17.72 -23.88
N TYR B 72 -7.79 -16.57 -24.51
CA TYR B 72 -8.55 -15.37 -24.17
C TYR B 72 -8.85 -14.56 -25.41
N ASP B 73 -9.82 -13.66 -25.25
CA ASP B 73 -10.21 -12.68 -26.27
C ASP B 73 -10.01 -11.30 -25.67
N LEU B 74 -8.97 -10.60 -26.12
CA LEU B 74 -8.64 -9.29 -25.59
C LEU B 74 -9.31 -8.20 -26.41
N TYR B 75 -10.00 -7.29 -25.74
CA TYR B 75 -10.64 -6.15 -26.39
C TYR B 75 -10.47 -4.91 -25.53
N LEU B 76 -10.55 -3.75 -26.18
CA LEU B 76 -10.31 -2.47 -25.53
C LEU B 76 -11.64 -1.80 -25.20
N VAL B 77 -11.75 -1.29 -23.97
CA VAL B 77 -12.98 -0.65 -23.54
C VAL B 77 -13.23 0.60 -24.38
N THR B 78 -14.52 0.88 -24.64
CA THR B 78 -14.92 1.98 -25.50
C THR B 78 -15.74 3.05 -24.79
N ASN B 79 -16.50 2.70 -23.76
CA ASN B 79 -17.33 3.65 -23.02
C ASN B 79 -16.69 3.86 -21.65
N GLY B 80 -15.94 4.96 -21.51
CA GLY B 80 -15.24 5.25 -20.28
C GLY B 80 -13.80 4.76 -20.30
N LYS B 81 -13.20 4.78 -19.11
CA LYS B 81 -11.81 4.40 -18.97
C LYS B 81 -11.63 3.29 -17.94
N HIS B 82 -11.13 3.65 -16.75
CA HIS B 82 -10.87 2.65 -15.72
C HIS B 82 -12.19 2.20 -15.07
N GLY B 83 -12.95 3.14 -14.53
CA GLY B 83 -14.21 2.80 -13.89
C GLY B 83 -14.76 3.90 -13.02
N LYS B 84 -16.02 4.26 -13.27
CA LYS B 84 -16.71 5.28 -12.48
C LYS B 84 -18.20 5.01 -12.54
N LYS B 85 -18.88 5.29 -11.43
CA LYS B 85 -20.33 5.17 -11.38
C LYS B 85 -20.93 6.47 -11.90
N VAL B 86 -21.41 6.44 -13.14
CA VAL B 86 -22.01 7.61 -13.79
C VAL B 86 -23.51 7.35 -13.88
N ASN B 87 -24.29 8.20 -13.21
CA ASN B 87 -25.75 8.05 -13.17
C ASN B 87 -26.14 6.68 -12.65
N ASN B 88 -25.44 6.24 -11.60
CA ASN B 88 -25.64 4.94 -10.94
C ASN B 88 -25.41 3.75 -11.87
N VAL B 89 -24.65 3.92 -12.96
CA VAL B 89 -24.22 2.81 -13.80
C VAL B 89 -22.72 2.89 -14.00
N TRP B 90 -22.04 1.75 -13.92
CA TRP B 90 -20.59 1.68 -14.06
C TRP B 90 -20.19 1.70 -15.53
N ASN B 91 -19.18 2.51 -15.85
CA ASN B 91 -18.58 2.53 -17.17
C ASN B 91 -17.15 1.96 -17.09
N GLY B 92 -16.44 2.00 -18.21
CA GLY B 92 -15.06 1.59 -18.23
C GLY B 92 -14.87 0.09 -18.00
N MET B 93 -13.65 -0.27 -17.59
CA MET B 93 -13.31 -1.67 -17.39
C MET B 93 -14.14 -2.29 -16.27
N ILE B 94 -14.38 -1.52 -15.20
CA ILE B 94 -15.22 -2.01 -14.11
C ILE B 94 -16.59 -2.38 -14.62
N GLY B 95 -17.18 -1.53 -15.46
CA GLY B 95 -18.51 -1.81 -15.99
C GLY B 95 -18.56 -3.06 -16.83
N GLU B 96 -17.51 -3.32 -17.62
CA GLU B 96 -17.48 -4.52 -18.45
C GLU B 96 -17.51 -5.78 -17.60
N VAL B 97 -16.90 -5.75 -16.42
CA VAL B 97 -16.92 -6.90 -15.54
C VAL B 97 -18.24 -6.98 -14.78
N VAL B 98 -18.75 -5.83 -14.31
CA VAL B 98 -20.00 -5.80 -13.56
C VAL B 98 -21.14 -6.39 -14.39
N TYR B 99 -21.27 -5.95 -15.63
CA TYR B 99 -22.35 -6.37 -16.51
C TYR B 99 -21.99 -7.60 -17.34
N GLN B 100 -20.89 -8.28 -17.00
CA GLN B 100 -20.57 -9.62 -17.50
C GLN B 100 -20.31 -9.60 -19.01
N ARG B 101 -19.65 -8.55 -19.49
CA ARG B 101 -19.13 -8.53 -20.85
C ARG B 101 -17.68 -8.98 -20.92
N ALA B 102 -16.96 -8.94 -19.80
CA ALA B 102 -15.58 -9.42 -19.72
C ALA B 102 -15.44 -10.28 -18.47
N VAL B 103 -14.71 -11.39 -18.62
CA VAL B 103 -14.47 -12.25 -17.47
C VAL B 103 -13.40 -11.65 -16.57
N MET B 104 -12.43 -10.95 -17.15
CA MET B 104 -11.36 -10.30 -16.39
C MET B 104 -11.11 -8.92 -16.96
N ALA B 105 -10.56 -8.05 -16.11
CA ALA B 105 -10.09 -6.73 -16.53
C ALA B 105 -8.64 -6.59 -16.11
N VAL B 106 -7.76 -6.32 -17.08
CA VAL B 106 -6.33 -6.20 -16.84
C VAL B 106 -5.89 -4.81 -17.27
N GLY B 107 -4.95 -4.23 -16.54
CA GLY B 107 -4.45 -2.91 -16.85
C GLY B 107 -4.13 -2.15 -15.59
N SER B 108 -3.94 -0.83 -15.75
CA SER B 108 -3.60 0.05 -14.64
C SER B 108 -4.81 0.31 -13.74
N LEU B 109 -5.46 -0.75 -13.27
CA LEU B 109 -6.73 -0.64 -12.56
C LEU B 109 -6.45 -0.58 -11.05
N THR B 110 -6.71 0.59 -10.45
CA THR B 110 -6.44 0.80 -9.04
C THR B 110 -7.53 0.17 -8.18
N ILE B 111 -7.12 -0.59 -7.17
CA ILE B 111 -8.05 -1.18 -6.21
C ILE B 111 -8.51 -0.11 -5.22
N ASN B 112 -9.82 0.12 -5.14
CA ASN B 112 -10.40 0.94 -4.09
C ASN B 112 -11.64 0.23 -3.56
N GLU B 113 -12.23 0.78 -2.51
CA GLU B 113 -13.31 0.11 -1.82
C GLU B 113 -14.64 0.20 -2.56
N GLU B 114 -14.87 1.28 -3.28
CA GLU B 114 -16.08 1.35 -4.08
C GLU B 114 -16.08 0.33 -5.20
N ARG B 115 -14.92 0.10 -5.84
CA ARG B 115 -14.87 -0.85 -6.95
C ARG B 115 -15.02 -2.29 -6.48
N SER B 116 -14.49 -2.63 -5.30
CA SER B 116 -14.52 -4.00 -4.83
C SER B 116 -15.82 -4.37 -4.14
N GLU B 117 -16.78 -3.46 -4.11
CA GLU B 117 -18.14 -3.82 -3.69
C GLU B 117 -18.93 -4.47 -4.82
N VAL B 118 -18.48 -4.34 -6.06
CA VAL B 118 -19.17 -4.89 -7.22
C VAL B 118 -18.28 -5.82 -8.04
N VAL B 119 -16.97 -5.85 -7.79
CA VAL B 119 -16.07 -6.78 -8.47
C VAL B 119 -15.09 -7.33 -7.45
N ASP B 120 -14.59 -8.54 -7.71
CA ASP B 120 -13.52 -9.13 -6.92
C ASP B 120 -12.17 -8.80 -7.54
N PHE B 121 -11.13 -8.77 -6.69
CA PHE B 121 -9.81 -8.37 -7.13
C PHE B 121 -8.78 -9.44 -6.80
N SER B 122 -7.87 -9.67 -7.75
CA SER B 122 -6.62 -10.35 -7.47
C SER B 122 -5.86 -9.63 -6.35
N VAL B 123 -4.83 -10.30 -5.83
CA VAL B 123 -3.84 -9.64 -4.99
C VAL B 123 -3.17 -8.53 -5.79
N PRO B 124 -2.74 -7.44 -5.16
CA PRO B 124 -2.04 -6.39 -5.90
C PRO B 124 -0.70 -6.86 -6.42
N PHE B 125 -0.40 -6.54 -7.67
CA PHE B 125 0.88 -6.85 -8.27
C PHE B 125 1.71 -5.63 -8.61
N VAL B 126 1.15 -4.43 -8.46
CA VAL B 126 1.89 -3.17 -8.57
C VAL B 126 1.38 -2.26 -7.47
N GLU B 127 2.27 -1.85 -6.56
CA GLU B 127 1.87 -0.93 -5.51
C GLU B 127 1.70 0.47 -6.08
N THR B 128 0.60 1.13 -5.73
CA THR B 128 0.32 2.46 -6.23
C THR B 128 -0.35 3.27 -5.14
N GLY B 129 -0.61 4.54 -5.45
CA GLY B 129 -1.29 5.46 -4.57
C GLY B 129 -1.47 6.78 -5.26
N ILE B 130 -1.41 7.87 -4.50
CA ILE B 130 -1.49 9.22 -5.04
C ILE B 130 -0.11 9.85 -4.93
N SER B 131 0.34 10.48 -6.01
CA SER B 131 1.63 11.15 -6.04
C SER B 131 1.48 12.52 -6.67
N VAL B 132 2.44 13.40 -6.36
CA VAL B 132 2.46 14.77 -6.86
C VAL B 132 3.72 14.95 -7.69
N MET B 133 3.55 15.47 -8.91
CA MET B 133 4.67 15.75 -9.79
C MET B 133 4.81 17.25 -10.00
N VAL B 134 6.03 17.76 -9.80
CA VAL B 134 6.35 19.16 -9.99
C VAL B 134 7.59 19.27 -10.86
N SER B 135 7.81 20.48 -11.38
CA SER B 135 9.06 20.77 -12.08
C SER B 135 10.23 20.66 -11.11
N ARG B 136 11.36 20.17 -11.62
CA ARG B 136 12.57 20.06 -10.81
C ARG B 136 12.98 21.44 -10.29
N GLY B 137 12.90 21.63 -8.98
CA GLY B 137 13.15 22.93 -8.39
C GLY B 137 12.02 23.39 -7.49
N THR B 138 10.79 23.02 -7.85
CA THR B 138 9.64 23.33 -7.01
C THR B 138 9.70 22.48 -5.74
N GLN B 139 9.50 23.13 -4.59
CA GLN B 139 9.65 22.49 -3.29
C GLN B 139 8.28 22.36 -2.64
N VAL B 140 7.78 21.13 -2.57
CA VAL B 140 6.55 20.80 -1.85
C VAL B 140 6.80 19.58 -1.00
N THR B 141 6.24 19.58 0.22
CA THR B 141 6.36 18.45 1.12
C THR B 141 5.35 17.36 0.82
N GLY B 142 4.35 17.63 0.01
CA GLY B 142 3.27 16.72 -0.22
C GLY B 142 1.98 17.49 -0.42
N LEU B 143 0.85 16.76 -0.35
CA LEU B 143 -0.43 17.40 -0.56
C LEU B 143 -0.86 18.25 0.62
N SER B 144 -0.23 18.07 1.78
CA SER B 144 -0.50 18.91 2.94
C SER B 144 0.38 20.15 2.98
N ASP B 145 1.22 20.35 1.97
CA ASP B 145 1.95 21.60 1.93
C ASP B 145 0.94 22.74 1.81
N LYS B 146 1.34 23.91 2.30
CA LYS B 146 0.43 25.06 2.34
C LYS B 146 0.24 25.69 0.98
N LYS B 147 1.03 25.32 -0.01
CA LYS B 147 0.73 25.73 -1.37
C LYS B 147 -0.53 25.05 -1.91
N PHE B 148 -0.87 23.88 -1.35
CA PHE B 148 -2.09 23.17 -1.71
C PHE B 148 -3.25 23.55 -0.78
N GLN B 149 -2.97 23.70 0.51
CA GLN B 149 -4.04 24.05 1.45
CA GLN B 149 -4.03 24.05 1.45
C GLN B 149 -4.53 25.47 1.22
N ARG B 150 -3.61 26.41 1.01
CA ARG B 150 -3.94 27.82 0.79
C ARG B 150 -3.31 28.28 -0.51
N PRO B 151 -3.83 27.85 -1.65
CA PRO B 151 -3.20 28.23 -2.93
C PRO B 151 -3.34 29.71 -3.27
N HIS B 152 -4.32 30.41 -2.71
CA HIS B 152 -4.50 31.82 -2.98
C HIS B 152 -3.56 32.71 -2.17
N ASP B 153 -2.73 32.13 -1.29
CA ASP B 153 -1.72 32.90 -0.58
C ASP B 153 -0.49 33.18 -1.43
N TYR B 154 -0.48 32.74 -2.69
CA TYR B 154 0.65 32.88 -3.58
C TYR B 154 0.21 33.53 -4.87
N SER B 155 1.11 34.29 -5.47
CA SER B 155 0.82 35.06 -6.68
C SER B 155 1.71 34.60 -7.83
N PRO B 156 1.16 33.96 -8.88
CA PRO B 156 -0.26 33.63 -9.05
C PRO B 156 -0.70 32.48 -8.15
N PRO B 157 -2.01 32.27 -8.00
CA PRO B 157 -2.49 31.13 -7.22
C PRO B 157 -1.87 29.82 -7.70
N PHE B 158 -1.53 28.96 -6.74
CA PHE B 158 -0.87 27.70 -7.06
C PHE B 158 -1.73 26.87 -8.00
N ARG B 159 -1.20 26.54 -9.17
CA ARG B 159 -1.94 25.86 -10.22
C ARG B 159 -1.62 24.37 -10.15
N PHE B 160 -2.61 23.58 -9.75
CA PHE B 160 -2.45 22.14 -9.68
C PHE B 160 -3.77 21.47 -9.99
N GLY B 161 -3.70 20.30 -10.63
CA GLY B 161 -4.89 19.57 -11.00
C GLY B 161 -4.56 18.10 -11.24
N THR B 162 -5.58 17.35 -11.65
CA THR B 162 -5.44 15.94 -11.93
C THR B 162 -6.23 15.60 -13.19
N VAL B 163 -6.31 14.32 -13.51
CA VAL B 163 -7.12 13.81 -14.62
C VAL B 163 -8.45 13.32 -14.02
N PRO B 164 -9.58 13.85 -14.46
CA PRO B 164 -10.86 13.52 -13.81
C PRO B 164 -11.31 12.10 -14.09
N ASN B 165 -12.30 11.67 -13.30
CA ASN B 165 -13.05 10.43 -13.47
C ASN B 165 -12.26 9.20 -13.07
N GLY B 166 -11.15 9.35 -12.35
CA GLY B 166 -10.35 8.19 -11.98
C GLY B 166 -10.25 7.95 -10.49
N SER B 167 -9.30 7.11 -10.09
CA SER B 167 -9.13 6.79 -8.67
C SER B 167 -8.69 8.01 -7.87
N THR B 168 -7.86 8.87 -8.45
CA THR B 168 -7.33 10.01 -7.72
C THR B 168 -8.41 11.03 -7.42
N GLU B 169 -9.25 11.35 -8.40
CA GLU B 169 -10.30 12.36 -8.18
C GLU B 169 -11.29 11.90 -7.12
N ARG B 170 -11.65 10.62 -7.13
CA ARG B 170 -12.58 10.11 -6.11
C ARG B 170 -11.98 10.25 -4.72
N ASN B 171 -10.69 9.93 -4.57
CA ASN B 171 -10.07 10.01 -3.25
C ASN B 171 -10.01 11.44 -2.73
N ILE B 172 -9.90 12.42 -3.62
CA ILE B 172 -9.85 13.82 -3.18
C ILE B 172 -11.26 14.36 -2.96
N ARG B 173 -12.19 14.06 -3.88
CA ARG B 173 -13.52 14.65 -3.78
C ARG B 173 -14.31 14.09 -2.61
N ASN B 174 -14.04 12.84 -2.20
CA ASN B 174 -14.78 12.23 -1.11
C ASN B 174 -14.31 12.69 0.26
N ASN B 175 -13.20 13.44 0.34
CA ASN B 175 -12.61 13.75 1.63
C ASN B 175 -12.25 15.22 1.77
N TYR B 176 -11.86 15.86 0.67
CA TYR B 176 -11.40 17.26 0.71
C TYR B 176 -12.16 18.05 -0.35
N PRO B 177 -13.37 18.50 -0.03
CA PRO B 177 -14.21 19.15 -1.04
C PRO B 177 -13.64 20.44 -1.60
N TYR B 178 -13.05 21.30 -0.75
CA TYR B 178 -12.50 22.55 -1.25
C TYR B 178 -11.35 22.31 -2.21
N MET B 179 -10.43 21.42 -1.83
CA MET B 179 -9.30 21.10 -2.70
C MET B 179 -9.78 20.61 -4.06
N HIS B 180 -10.78 19.73 -4.07
CA HIS B 180 -11.28 19.19 -5.33
C HIS B 180 -11.91 20.28 -6.19
N GLN B 181 -12.77 21.12 -5.60
CA GLN B 181 -13.43 22.16 -6.38
C GLN B 181 -12.42 23.14 -6.96
N TYR B 182 -11.35 23.41 -6.23
CA TYR B 182 -10.30 24.28 -6.76
C TYR B 182 -9.54 23.60 -7.90
N MET B 183 -9.39 22.27 -7.85
CA MET B 183 -8.60 21.56 -8.83
C MET B 183 -9.27 21.50 -10.20
N THR B 184 -10.61 21.40 -10.21
CA THR B 184 -11.32 21.09 -11.45
C THR B 184 -11.07 22.13 -12.54
N ARG B 185 -10.77 23.37 -12.16
CA ARG B 185 -10.40 24.36 -13.15
C ARG B 185 -9.05 24.05 -13.80
N PHE B 186 -8.22 23.23 -13.15
CA PHE B 186 -6.95 22.78 -13.70
C PHE B 186 -7.00 21.33 -14.17
N ASN B 187 -8.19 20.83 -14.50
CA ASN B 187 -8.33 19.45 -14.97
C ASN B 187 -7.47 19.20 -16.20
N GLN B 188 -6.67 18.14 -16.13
CA GLN B 188 -5.79 17.75 -17.22
C GLN B 188 -6.42 16.61 -18.02
N ARG B 189 -6.44 16.75 -19.35
CA ARG B 189 -7.08 15.75 -20.19
C ARG B 189 -6.26 14.46 -20.27
N GLY B 190 -4.94 14.56 -20.19
CA GLY B 190 -4.10 13.38 -20.22
C GLY B 190 -2.82 13.60 -19.44
N VAL B 191 -2.09 12.50 -19.22
CA VAL B 191 -0.80 12.59 -18.55
C VAL B 191 0.16 13.42 -19.40
N GLU B 192 0.19 13.17 -20.71
CA GLU B 192 1.14 13.86 -21.59
C GLU B 192 0.91 15.36 -21.58
N ASP B 193 -0.36 15.79 -21.54
CA ASP B 193 -0.66 17.21 -21.48
C ASP B 193 -0.14 17.83 -20.19
N ALA B 194 -0.26 17.11 -19.07
CA ALA B 194 0.17 17.65 -17.78
C ALA B 194 1.68 17.82 -17.73
N LEU B 195 2.43 16.86 -18.29
CA LEU B 195 3.88 16.97 -18.30
C LEU B 195 4.36 18.15 -19.15
N VAL B 196 3.63 18.45 -20.23
CA VAL B 196 4.01 19.59 -21.07
C VAL B 196 3.81 20.89 -20.32
N SER B 197 2.68 21.04 -19.61
CA SER B 197 2.43 22.26 -18.85
C SER B 197 3.41 22.40 -17.69
N LEU B 198 3.86 21.27 -17.11
CA LEU B 198 4.85 21.34 -16.05
C LEU B 198 6.19 21.81 -16.57
N LYS B 199 6.62 21.29 -17.72
CA LYS B 199 7.94 21.63 -18.26
C LYS B 199 7.97 23.02 -18.87
N THR B 200 6.82 23.57 -19.25
CA THR B 200 6.76 24.93 -19.78
C THR B 200 6.43 25.97 -18.71
N GLY B 201 6.19 25.55 -17.47
CA GLY B 201 5.89 26.47 -16.40
C GLY B 201 4.47 26.96 -16.34
N LYS B 202 3.55 26.33 -17.06
CA LYS B 202 2.15 26.74 -17.05
C LYS B 202 1.32 26.00 -16.01
N LEU B 203 1.86 24.94 -15.42
CA LEU B 203 1.22 24.23 -14.32
C LEU B 203 2.25 23.98 -13.24
N ASP B 204 1.84 24.10 -11.98
CA ASP B 204 2.78 23.99 -10.87
C ASP B 204 2.89 22.58 -10.31
N ALA B 205 1.80 21.83 -10.27
CA ALA B 205 1.83 20.48 -9.72
C ALA B 205 0.78 19.62 -10.41
N PHE B 206 1.12 18.34 -10.56
CA PHE B 206 0.24 17.36 -11.21
C PHE B 206 0.04 16.19 -10.26
N ILE B 207 -1.18 16.06 -9.74
CA ILE B 207 -1.54 14.95 -8.88
C ILE B 207 -2.07 13.82 -9.75
N TYR B 208 -1.58 12.61 -9.54
CA TYR B 208 -1.94 11.48 -10.39
C TYR B 208 -1.52 10.19 -9.69
N ASP B 209 -1.78 9.06 -10.36
CA ASP B 209 -1.41 7.75 -9.86
C ASP B 209 0.09 7.67 -9.60
N ALA B 210 0.46 7.02 -8.51
CA ALA B 210 1.86 7.01 -8.08
C ALA B 210 2.74 6.20 -9.03
N ALA B 211 2.25 5.05 -9.49
CA ALA B 211 3.07 4.18 -10.34
C ALA B 211 3.37 4.84 -11.68
N VAL B 212 2.37 5.52 -12.26
CA VAL B 212 2.58 6.18 -13.55
C VAL B 212 3.53 7.36 -13.40
N LEU B 213 3.34 8.17 -12.36
CA LEU B 213 4.21 9.33 -12.16
C LEU B 213 5.65 8.91 -11.86
N ASN B 214 5.82 7.82 -11.11
CA ASN B 214 7.17 7.33 -10.84
C ASN B 214 7.84 6.86 -12.12
N TYR B 215 7.07 6.22 -13.01
CA TYR B 215 7.62 5.81 -14.29
C TYR B 215 7.93 7.00 -15.18
N LYS B 216 7.02 7.98 -15.24
CA LYS B 216 7.23 9.14 -16.10
C LYS B 216 8.42 9.96 -15.66
N ALA B 217 8.59 10.15 -14.34
CA ALA B 217 9.76 10.85 -13.85
C ALA B 217 11.04 10.05 -14.10
N GLY B 218 10.92 8.72 -14.20
CA GLY B 218 12.10 7.89 -14.38
C GLY B 218 12.72 8.00 -15.75
N ARG B 219 11.92 8.28 -16.77
CA ARG B 219 12.38 8.32 -18.16
C ARG B 219 12.09 9.66 -18.82
N ASP B 220 12.07 10.74 -18.06
CA ASP B 220 11.82 12.04 -18.67
C ASP B 220 13.04 12.49 -19.47
N GLU B 221 12.79 13.03 -20.66
CA GLU B 221 13.86 13.55 -21.49
C GLU B 221 14.53 14.72 -20.81
N GLY B 222 15.68 14.48 -20.17
CA GLY B 222 16.40 15.52 -19.47
C GLY B 222 16.20 15.52 -17.96
N CYS B 223 15.33 14.65 -17.45
CA CYS B 223 15.01 14.59 -16.02
C CYS B 223 14.57 15.95 -15.50
N LYS B 224 13.42 16.39 -16.03
CA LYS B 224 12.83 17.67 -15.65
C LYS B 224 11.77 17.56 -14.56
N LEU B 225 11.31 16.35 -14.24
CA LEU B 225 10.17 16.17 -13.37
C LEU B 225 10.55 15.41 -12.11
N VAL B 226 9.99 15.86 -10.98
CA VAL B 226 10.22 15.28 -9.67
C VAL B 226 8.87 14.80 -9.13
N THR B 227 8.84 13.58 -8.60
CA THR B 227 7.64 13.03 -8.00
C THR B 227 7.87 12.83 -6.51
N ILE B 228 6.85 13.18 -5.72
CA ILE B 228 6.87 13.01 -4.27
C ILE B 228 5.54 12.40 -3.86
N GLY B 229 5.58 11.60 -2.80
CA GLY B 229 4.36 10.98 -2.32
C GLY B 229 3.35 12.00 -1.85
N SER B 230 2.07 11.69 -2.07
CA SER B 230 1.00 12.56 -1.61
C SER B 230 1.08 12.82 -0.11
N GLY B 231 1.47 11.81 0.68
CA GLY B 231 1.17 11.80 2.09
C GLY B 231 -0.23 11.34 2.42
N TYR B 232 -1.08 11.14 1.41
CA TYR B 232 -2.42 10.59 1.59
C TYR B 232 -2.30 9.08 1.75
N ILE B 233 -1.80 8.68 2.93
CA ILE B 233 -1.55 7.26 3.20
C ILE B 233 -2.85 6.47 3.17
N PHE B 234 -3.98 7.13 3.44
CA PHE B 234 -5.28 6.47 3.36
C PHE B 234 -5.59 5.96 1.96
N ALA B 235 -4.91 6.48 0.94
CA ALA B 235 -5.18 6.12 -0.46
C ALA B 235 -4.18 5.13 -1.01
N THR B 236 -3.31 4.56 -0.18
CA THR B 236 -2.33 3.60 -0.65
C THR B 236 -3.01 2.29 -0.99
N THR B 237 -2.65 1.72 -2.15
CA THR B 237 -3.26 0.49 -2.64
C THR B 237 -2.41 -0.11 -3.76
N GLY B 238 -3.05 -0.70 -4.76
CA GLY B 238 -2.29 -1.25 -5.87
C GLY B 238 -3.17 -1.57 -7.05
N TYR B 239 -2.51 -1.91 -8.16
CA TYR B 239 -3.21 -2.42 -9.32
C TYR B 239 -3.63 -3.87 -9.08
N GLY B 240 -4.83 -4.21 -9.55
CA GLY B 240 -5.33 -5.56 -9.40
C GLY B 240 -6.09 -5.99 -10.64
N ILE B 241 -6.04 -7.29 -10.89
CA ILE B 241 -6.86 -7.89 -11.95
C ILE B 241 -8.30 -7.95 -11.44
N ALA B 242 -9.22 -7.29 -12.15
CA ALA B 242 -10.60 -7.24 -11.72
C ALA B 242 -11.34 -8.48 -12.22
N LEU B 243 -12.06 -9.13 -11.31
CA LEU B 243 -12.91 -10.26 -11.64
C LEU B 243 -14.31 -10.01 -11.10
N GLN B 244 -15.28 -10.67 -11.71
CA GLN B 244 -16.67 -10.57 -11.27
C GLN B 244 -16.82 -11.00 -9.82
N LYS B 245 -17.80 -10.41 -9.14
CA LYS B 245 -18.00 -10.69 -7.73
C LYS B 245 -18.26 -12.16 -7.49
N GLY B 246 -17.49 -12.76 -6.59
CA GLY B 246 -17.59 -14.18 -6.33
C GLY B 246 -17.04 -15.04 -7.44
N SER B 247 -16.07 -14.54 -8.19
CA SER B 247 -15.54 -15.30 -9.31
C SER B 247 -14.79 -16.53 -8.82
N PRO B 248 -14.99 -17.69 -9.43
CA PRO B 248 -14.24 -18.89 -9.04
C PRO B 248 -12.79 -18.87 -9.50
N TRP B 249 -12.36 -17.85 -10.22
CA TRP B 249 -11.01 -17.79 -10.79
C TRP B 249 -10.06 -16.87 -10.03
N LYS B 250 -10.56 -16.14 -9.02
CA LYS B 250 -9.68 -15.30 -8.22
C LYS B 250 -8.61 -16.13 -7.53
N ARG B 251 -8.96 -17.35 -7.11
CA ARG B 251 -8.01 -18.20 -6.40
C ARG B 251 -6.86 -18.61 -7.31
N GLN B 252 -7.17 -19.07 -8.54
CA GLN B 252 -6.13 -19.53 -9.44
C GLN B 252 -5.33 -18.39 -10.02
N ILE B 253 -5.95 -17.21 -10.18
CA ILE B 253 -5.21 -16.04 -10.66
C ILE B 253 -4.22 -15.58 -9.60
N ASP B 254 -4.64 -15.60 -8.33
CA ASP B 254 -3.74 -15.21 -7.25
C ASP B 254 -2.58 -16.18 -7.10
N LEU B 255 -2.85 -17.48 -7.25
CA LEU B 255 -1.80 -18.47 -7.11
C LEU B 255 -0.72 -18.29 -8.18
N ALA B 256 -1.13 -17.94 -9.41
CA ALA B 256 -0.16 -17.72 -10.47
C ALA B 256 0.65 -16.45 -10.22
N LEU B 257 -0.02 -15.39 -9.77
CA LEU B 257 0.70 -14.15 -9.47
C LEU B 257 1.68 -14.35 -8.32
N LEU B 258 1.26 -15.05 -7.27
CA LEU B 258 2.16 -15.35 -6.16
C LEU B 258 3.34 -16.20 -6.61
N GLN B 259 3.13 -17.09 -7.58
CA GLN B 259 4.24 -17.85 -8.13
C GLN B 259 5.23 -16.95 -8.85
N PHE B 260 4.73 -16.01 -9.66
CA PHE B 260 5.61 -15.10 -10.39
C PHE B 260 6.42 -14.25 -9.42
N VAL B 261 5.79 -13.77 -8.35
CA VAL B 261 6.50 -12.98 -7.35
C VAL B 261 7.54 -13.83 -6.63
N GLY B 262 7.26 -15.12 -6.45
CA GLY B 262 8.17 -16.01 -5.76
C GLY B 262 9.39 -16.42 -6.55
N ASP B 263 9.22 -16.72 -7.84
CA ASP B 263 10.30 -17.24 -8.66
C ASP B 263 11.05 -16.15 -9.43
N GLY B 264 10.73 -14.88 -9.19
CA GLY B 264 11.45 -13.79 -9.80
C GLY B 264 10.96 -13.32 -11.15
N GLU B 265 9.91 -13.96 -11.69
CA GLU B 265 9.36 -13.53 -12.98
C GLU B 265 8.82 -12.10 -12.90
N MET B 266 8.28 -11.71 -11.75
CA MET B 266 7.73 -10.37 -11.60
C MET B 266 8.82 -9.32 -11.63
N GLU B 267 9.90 -9.55 -10.87
CA GLU B 267 11.02 -8.62 -10.87
C GLU B 267 11.65 -8.49 -12.26
N GLU B 268 11.57 -9.55 -13.06
CA GLU B 268 12.08 -9.47 -14.43
C GLU B 268 11.21 -8.58 -15.29
N LEU B 269 9.89 -8.62 -15.08
CA LEU B 269 9.00 -7.72 -15.79
C LEU B 269 9.15 -6.27 -15.32
N GLU B 270 9.39 -6.08 -14.02
CA GLU B 270 9.46 -4.72 -13.49
C GLU B 270 10.69 -3.97 -13.97
N THR B 271 11.82 -4.66 -14.16
CA THR B 271 13.02 -3.99 -14.63
C THR B 271 13.15 -4.02 -16.14
N LEU B 272 12.25 -4.71 -16.83
CA LEU B 272 12.15 -4.59 -18.29
C LEU B 272 11.26 -3.43 -18.70
N TRP B 273 10.22 -3.14 -17.92
CA TRP B 273 9.22 -2.14 -18.28
C TRP B 273 9.23 -0.90 -17.40
N LEU B 274 9.46 -1.04 -16.09
CA LEU B 274 9.10 0.02 -15.15
C LEU B 274 10.26 0.80 -14.56
N THR B 275 11.46 0.23 -14.49
CA THR B 275 12.59 0.96 -13.91
C THR B 275 12.97 2.15 -14.78
N GLY B 276 13.50 3.18 -14.11
CA GLY B 276 13.91 4.41 -14.77
C GLY B 276 15.38 4.73 -14.61
N ILE B 277 15.80 5.89 -15.10
CA ILE B 277 17.22 6.24 -15.14
C ILE B 277 17.47 7.47 -14.28
N CYS B 278 16.47 8.35 -14.16
CA CYS B 278 16.64 9.57 -13.38
C CYS B 278 16.33 9.30 -11.91
N HIS B 279 16.51 10.32 -11.07
CA HIS B 279 16.27 10.19 -9.63
C HIS B 279 15.48 11.41 -9.18
C10 M7V C . 4.87 -10.66 16.14
C01 M7V C . 3.87 -6.93 13.34
C02 M7V C . 5.18 -6.63 13.42
C03 M7V C . 4.78 -7.93 13.25
C04 M7V C . 4.84 -8.89 14.02
C05 M7V C . 5.05 -8.52 11.85
C06 M7V C . 3.02 -6.48 12.51
C07 M7V C . 1.58 -7.08 12.86
C08 M7V C . 6.05 -8.73 14.97
C09 M7V C . 5.80 -9.46 16.30
N01 M7V C . 2.97 -4.99 12.63
O01 M7V C . 1.40 -8.33 12.80
O02 M7V C . 0.64 -6.32 13.17
O03 M7V C . 5.40 -7.75 10.89
O04 M7V C . 4.94 -9.76 11.65
C10 M7V D . -9.60 8.03 -15.73
C01 M7V D . -6.44 5.85 -12.74
C02 M7V D . -5.39 6.59 -13.10
C03 M7V D . -6.50 7.22 -12.66
C04 M7V D . -7.09 8.12 -13.26
C05 M7V D . -6.36 7.80 -11.26
C06 M7V D . -6.30 4.90 -11.90
C07 M7V D . -7.68 4.14 -11.69
C08 M7V D . -7.33 7.85 -14.74
C09 M7V D . -8.35 8.79 -15.36
N01 M7V D . -5.26 3.93 -12.27
O01 M7V D . -7.83 2.95 -11.69
O02 M7V D . -8.63 4.84 -11.51
O03 M7V D . -7.29 8.12 -10.57
O04 M7V D . -5.26 7.98 -10.75
#